data_6OCN
#
_entry.id   6OCN
#
_cell.length_a   52.310
_cell.length_b   68.020
_cell.length_c   130.530
_cell.angle_alpha   90.00
_cell.angle_beta   90.00
_cell.angle_gamma   90.00
#
_symmetry.space_group_name_H-M   'P 21 21 21'
#
loop_
_entity.id
_entity.type
_entity.pdbx_description
1 polymer 'Pancreatic alpha-amylase'
2 non-polymer 2-acetamido-2-deoxy-beta-D-glucopyranose
3 non-polymer N-(3-{[2-(3,4-dihydroxyphenyl)-5,7-dihydroxy-4-oxo-4H-1-benzopyran-3-yl]oxy}propyl)-1-[(2E)-3-(3,4-dihydroxyphenyl)prop-2-enoyl]-L-prolinamide
4 non-polymer 'CHLORIDE ION'
5 non-polymer 'CALCIUM ION'
6 water water
#
_entity_poly.entity_id   1
_entity_poly.type   'polypeptide(L)'
_entity_poly.pdbx_seq_one_letter_code
;(PCA)YSPNTQQGRTSIVHLFEWRWVDIALECERYLAPKGFGGVQVSPPNENVAIYNPFRPWWERYQPVSYKLCTRSGNE
DEFRNMVTRCNNVGVRIYVDAVINHMCGNAVSAGTSSTCGSYFNPGSRDFPAVPYSGWDFNDGKCKTGSGDIENYNDATQ
VRDCRLTGLLDLALEKDYVRSKIAEYMNHLIDIGVAGFRLDASKHMWPGDIKAILDKLHNLNSNWFPAGSKPFIYQEVID
LGGEPIKSSDYFGNGRVTEFKYGAKLGTVIRKWNGEKMSYLKNWGEGWGFVPSDRALVFVDNHDNQRGHGAGGASILTFW
DARLYKMAVGFMLAHPYGFTRVMSSYRWPRQFQNGNDVNDWVGPPNNNGVIKEVTINPDTTCGNDWVCEHRWRQIRNMVI
FRNVVDGQPFTNWYDNGSNQVAFGRGNRGFIVFNNDDWSFSLTLQTGLPAGTYCDVISGDKINGNCTGIKIYVSDDGKAH
FSISNSAEDPFIAIHAESKL
;
_entity_poly.pdbx_strand_id   A
#
# COMPACT_ATOMS: atom_id res chain seq x y z
N TYR A 2 -1.88 2.40 -16.14
CA TYR A 2 -1.94 3.50 -15.17
C TYR A 2 -3.25 3.55 -14.42
N SER A 3 -4.29 2.98 -15.01
CA SER A 3 -5.63 2.97 -14.44
CA SER A 3 -5.62 2.97 -14.43
C SER A 3 -5.79 1.79 -13.50
N PRO A 4 -6.40 1.96 -12.32
CA PRO A 4 -6.49 0.83 -11.38
C PRO A 4 -7.49 -0.26 -11.76
N ASN A 5 -8.42 0.00 -12.65
CA ASN A 5 -9.44 -0.97 -13.01
C ASN A 5 -10.39 -1.27 -11.87
N THR A 6 -10.52 -0.34 -10.92
CA THR A 6 -11.57 -0.45 -9.94
C THR A 6 -12.89 -0.06 -10.58
N GLN A 7 -13.96 -0.39 -9.89
CA GLN A 7 -15.25 0.15 -10.30
C GLN A 7 -15.25 1.67 -10.19
N GLN A 8 -15.98 2.32 -11.08
CA GLN A 8 -16.14 3.76 -10.99
C GLN A 8 -16.64 4.10 -9.59
N GLY A 9 -16.04 5.11 -8.98
CA GLY A 9 -16.49 5.54 -7.68
C GLY A 9 -15.84 4.79 -6.55
N ARG A 10 -14.92 3.87 -6.83
CA ARG A 10 -14.09 3.28 -5.79
C ARG A 10 -12.63 3.69 -6.02
N THR A 11 -12.03 4.34 -5.03
CA THR A 11 -10.81 5.09 -5.25
C THR A 11 -9.60 4.66 -4.41
N SER A 12 -9.68 3.60 -3.63
CA SER A 12 -8.53 3.15 -2.86
C SER A 12 -8.36 1.64 -2.94
N ILE A 13 -7.15 1.21 -2.66
CA ILE A 13 -6.87 -0.19 -2.38
CA ILE A 13 -6.79 -0.19 -2.40
C ILE A 13 -6.38 -0.33 -0.94
N VAL A 14 -6.56 -1.52 -0.39
CA VAL A 14 -6.08 -1.85 0.96
C VAL A 14 -5.09 -3.00 0.86
N HIS A 15 -3.97 -2.88 1.56
CA HIS A 15 -3.00 -3.97 1.65
C HIS A 15 -3.40 -4.87 2.82
N LEU A 16 -3.97 -6.04 2.53
CA LEU A 16 -4.33 -7.01 3.58
C LEU A 16 -3.11 -7.89 3.80
N PHE A 17 -2.12 -7.31 4.49
CA PHE A 17 -0.78 -7.87 4.60
C PHE A 17 -0.81 -9.20 5.36
N GLU A 18 -0.34 -10.26 4.69
CA GLU A 18 -0.26 -11.61 5.25
C GLU A 18 -1.61 -12.26 5.52
N TRP A 19 -2.72 -11.68 5.05
CA TRP A 19 -4.00 -12.36 5.21
C TRP A 19 -4.07 -13.61 4.34
N ARG A 20 -4.81 -14.58 4.84
CA ARG A 20 -5.15 -15.79 4.12
C ARG A 20 -6.23 -15.51 3.06
N TRP A 21 -6.20 -16.29 1.98
CA TRP A 21 -7.13 -16.08 0.89
C TRP A 21 -8.58 -16.20 1.34
N VAL A 22 -8.89 -17.20 2.17
CA VAL A 22 -10.28 -17.38 2.60
C VAL A 22 -10.77 -16.16 3.37
N ASP A 23 -9.89 -15.54 4.17
CA ASP A 23 -10.28 -14.37 4.95
C ASP A 23 -10.46 -13.17 4.06
N ILE A 24 -9.61 -13.01 3.04
CA ILE A 24 -9.80 -11.92 2.08
C ILE A 24 -11.13 -12.08 1.34
N ALA A 25 -11.44 -13.30 0.90
CA ALA A 25 -12.69 -13.54 0.20
C ALA A 25 -13.87 -13.11 1.05
N LEU A 26 -13.89 -13.53 2.32
CA LEU A 26 -14.96 -13.11 3.23
C LEU A 26 -14.98 -11.60 3.41
N GLU A 27 -13.79 -11.00 3.57
CA GLU A 27 -13.70 -9.57 3.79
C GLU A 27 -14.23 -8.80 2.60
N CYS A 28 -13.96 -9.27 1.37
CA CYS A 28 -14.56 -8.65 0.20
C CYS A 28 -16.07 -8.55 0.32
N GLU A 29 -16.69 -9.67 0.69
CA GLU A 29 -18.15 -9.79 0.71
C GLU A 29 -18.77 -9.03 1.87
N ARG A 30 -18.18 -9.12 3.06
CA ARG A 30 -18.81 -8.61 4.26
C ARG A 30 -18.47 -7.16 4.55
N TYR A 31 -17.40 -6.62 3.97
CA TYR A 31 -16.93 -5.30 4.38
CA TYR A 31 -16.93 -5.30 4.37
C TYR A 31 -16.45 -4.46 3.18
N LEU A 32 -15.51 -4.97 2.39
CA LEU A 32 -14.90 -4.12 1.39
C LEU A 32 -15.90 -3.68 0.33
N ALA A 33 -16.77 -4.59 -0.12
CA ALA A 33 -17.79 -4.22 -1.09
C ALA A 33 -18.76 -3.20 -0.50
N PRO A 34 -19.44 -3.46 0.62
CA PRO A 34 -20.39 -2.46 1.13
C PRO A 34 -19.77 -1.14 1.53
N LYS A 35 -18.51 -1.14 1.94
CA LYS A 35 -17.87 0.09 2.39
C LYS A 35 -17.08 0.81 1.31
N GLY A 36 -17.18 0.36 0.06
CA GLY A 36 -16.68 1.16 -1.04
C GLY A 36 -15.21 1.04 -1.34
N PHE A 37 -14.53 0.00 -0.87
CA PHE A 37 -13.12 -0.16 -1.16
C PHE A 37 -12.94 -0.66 -2.61
N GLY A 38 -11.92 -0.14 -3.27
CA GLY A 38 -11.69 -0.53 -4.65
C GLY A 38 -11.04 -1.89 -4.86
N GLY A 39 -10.15 -2.30 -3.96
CA GLY A 39 -9.45 -3.54 -4.15
C GLY A 39 -8.48 -3.82 -3.03
N VAL A 40 -7.77 -4.93 -3.20
CA VAL A 40 -6.90 -5.50 -2.19
C VAL A 40 -5.55 -5.81 -2.83
N GLN A 41 -4.48 -5.33 -2.22
CA GLN A 41 -3.14 -5.85 -2.49
C GLN A 41 -2.92 -7.07 -1.61
N VAL A 42 -2.64 -8.20 -2.23
CA VAL A 42 -2.38 -9.45 -1.51
C VAL A 42 -0.87 -9.63 -1.35
N SER A 43 -0.49 -10.37 -0.33
CA SER A 43 0.89 -10.80 -0.18
C SER A 43 1.28 -11.74 -1.33
N PRO A 44 2.58 -11.91 -1.60
CA PRO A 44 2.99 -12.73 -2.75
C PRO A 44 2.29 -14.07 -2.73
N PRO A 45 1.64 -14.47 -3.83
CA PRO A 45 0.88 -15.72 -3.81
C PRO A 45 1.66 -16.92 -4.30
N ASN A 46 2.91 -16.72 -4.67
CA ASN A 46 3.76 -17.79 -5.15
C ASN A 46 4.60 -18.41 -4.03
N GLU A 47 4.96 -19.68 -4.24
CA GLU A 47 5.71 -20.46 -3.26
C GLU A 47 7.02 -19.78 -2.89
N ASN A 48 7.31 -19.78 -1.59
CA ASN A 48 8.49 -19.12 -1.03
C ASN A 48 9.24 -20.07 -0.09
N VAL A 49 10.43 -19.65 0.31
CA VAL A 49 11.22 -20.41 1.27
C VAL A 49 10.52 -20.37 2.63
N ALA A 50 10.43 -21.53 3.28
CA ALA A 50 10.01 -21.60 4.67
C ALA A 50 11.27 -21.42 5.52
N ILE A 51 11.33 -20.29 6.21
CA ILE A 51 12.49 -19.92 7.01
CA ILE A 51 12.49 -19.92 7.01
C ILE A 51 12.13 -20.15 8.47
N TYR A 52 12.93 -20.96 9.16
CA TYR A 52 12.67 -21.33 10.53
C TYR A 52 13.58 -20.64 11.53
N ASN A 53 14.70 -20.08 11.06
CA ASN A 53 15.52 -19.23 11.92
C ASN A 53 15.71 -17.87 11.23
N PRO A 54 15.01 -16.81 11.71
CA PRO A 54 14.01 -16.82 12.78
C PRO A 54 12.72 -17.48 12.31
N PHE A 55 11.73 -17.60 13.19
CA PHE A 55 10.57 -18.43 12.92
C PHE A 55 9.56 -17.74 12.01
N ARG A 56 9.52 -18.18 10.75
CA ARG A 56 8.50 -17.78 9.77
C ARG A 56 8.35 -16.26 9.67
N PRO A 57 9.44 -15.54 9.39
CA PRO A 57 9.36 -14.08 9.31
C PRO A 57 8.49 -13.65 8.13
N TRP A 58 7.95 -12.42 8.22
CA TRP A 58 7.16 -11.92 7.10
C TRP A 58 7.99 -11.93 5.83
N TRP A 59 9.29 -11.64 5.94
CA TRP A 59 10.11 -11.43 4.77
C TRP A 59 10.49 -12.73 4.04
N GLU A 60 10.13 -13.90 4.58
CA GLU A 60 10.34 -15.12 3.81
C GLU A 60 9.53 -15.10 2.51
N ARG A 61 8.42 -14.34 2.47
CA ARG A 61 7.56 -14.32 1.29
C ARG A 61 8.16 -13.54 0.15
N TYR A 62 9.29 -12.87 0.37
CA TYR A 62 10.00 -12.15 -0.68
C TYR A 62 11.20 -12.95 -1.18
N GLN A 63 11.20 -14.27 -0.89
CA GLN A 63 12.22 -15.23 -1.34
C GLN A 63 11.55 -16.36 -2.09
N PRO A 64 11.29 -16.18 -3.40
CA PRO A 64 10.61 -17.20 -4.17
C PRO A 64 11.38 -18.49 -4.31
N VAL A 65 10.61 -19.59 -4.38
CA VAL A 65 11.09 -20.91 -4.74
C VAL A 65 10.48 -21.41 -6.05
N SER A 66 9.25 -20.98 -6.35
CA SER A 66 8.59 -21.34 -7.60
C SER A 66 7.46 -20.35 -7.84
N TYR A 67 6.72 -20.58 -8.93
CA TYR A 67 5.53 -19.81 -9.25
C TYR A 67 4.25 -20.59 -8.98
N LYS A 68 4.33 -21.72 -8.27
CA LYS A 68 3.13 -22.38 -7.78
C LYS A 68 2.39 -21.48 -6.81
N LEU A 69 1.05 -21.47 -6.88
CA LEU A 69 0.24 -20.57 -6.03
C LEU A 69 -0.06 -21.27 -4.71
N CYS A 70 0.96 -21.41 -3.88
CA CYS A 70 0.93 -22.33 -2.75
C CYS A 70 1.78 -21.73 -1.64
N THR A 71 1.12 -21.10 -0.67
CA THR A 71 1.75 -20.27 0.36
C THR A 71 1.03 -20.47 1.67
N ARG A 72 1.51 -19.81 2.72
CA ARG A 72 0.79 -19.81 3.99
C ARG A 72 -0.56 -19.12 3.89
N SER A 73 -0.82 -18.33 2.85
CA SER A 73 -2.14 -17.75 2.66
C SER A 73 -3.13 -18.72 2.05
N GLY A 74 -2.66 -19.78 1.40
CA GLY A 74 -3.52 -20.78 0.81
C GLY A 74 -2.99 -21.34 -0.48
N ASN A 75 -3.76 -22.26 -1.07
CA ASN A 75 -3.40 -22.96 -2.30
C ASN A 75 -4.08 -22.31 -3.51
N GLU A 76 -3.86 -22.92 -4.69
CA GLU A 76 -4.37 -22.29 -5.91
C GLU A 76 -5.89 -22.25 -5.93
N ASP A 77 -6.53 -23.32 -5.48
CA ASP A 77 -7.99 -23.31 -5.48
C ASP A 77 -8.53 -22.20 -4.57
N GLU A 78 -7.88 -22.01 -3.41
CA GLU A 78 -8.30 -20.97 -2.49
C GLU A 78 -8.03 -19.58 -3.06
N PHE A 79 -6.92 -19.43 -3.77
CA PHE A 79 -6.61 -18.16 -4.39
C PHE A 79 -7.65 -17.82 -5.46
N ARG A 80 -7.96 -18.80 -6.33
CA ARG A 80 -8.96 -18.56 -7.37
C ARG A 80 -10.32 -18.27 -6.76
N ASN A 81 -10.70 -19.00 -5.71
CA ASN A 81 -11.97 -18.75 -5.04
C ASN A 81 -12.04 -17.31 -4.55
N MET A 82 -10.96 -16.82 -3.96
CA MET A 82 -10.91 -15.44 -3.48
C MET A 82 -11.06 -14.44 -4.63
N VAL A 83 -10.30 -14.63 -5.70
CA VAL A 83 -10.37 -13.69 -6.82
C VAL A 83 -11.77 -13.67 -7.41
N THR A 84 -12.37 -14.84 -7.61
CA THR A 84 -13.73 -14.91 -8.13
C THR A 84 -14.72 -14.19 -7.22
N ARG A 85 -14.67 -14.50 -5.92
CA ARG A 85 -15.64 -13.94 -4.98
C ARG A 85 -15.48 -12.44 -4.85
N CYS A 86 -14.24 -11.96 -4.83
CA CYS A 86 -13.99 -10.52 -4.76
C CYS A 86 -14.46 -9.83 -6.05
N ASN A 87 -14.08 -10.36 -7.22
CA ASN A 87 -14.55 -9.75 -8.46
C ASN A 87 -16.06 -9.75 -8.55
N ASN A 88 -16.71 -10.81 -8.04
CA ASN A 88 -18.17 -10.87 -8.14
C ASN A 88 -18.87 -9.83 -7.29
N VAL A 89 -18.20 -9.24 -6.31
CA VAL A 89 -18.73 -8.10 -5.57
C VAL A 89 -18.04 -6.80 -5.94
N GLY A 90 -17.27 -6.80 -7.02
CA GLY A 90 -16.71 -5.57 -7.53
C GLY A 90 -15.51 -5.04 -6.75
N VAL A 91 -14.76 -5.91 -6.10
CA VAL A 91 -13.55 -5.57 -5.34
C VAL A 91 -12.39 -6.29 -6.03
N ARG A 92 -11.39 -5.54 -6.48
CA ARG A 92 -10.33 -6.11 -7.28
C ARG A 92 -9.20 -6.67 -6.44
N ILE A 93 -8.39 -7.53 -7.06
CA ILE A 93 -7.20 -8.13 -6.46
C ILE A 93 -5.97 -7.70 -7.23
N TYR A 94 -4.96 -7.23 -6.51
CA TYR A 94 -3.68 -6.83 -7.06
C TYR A 94 -2.60 -7.69 -6.41
N VAL A 95 -1.79 -8.33 -7.24
CA VAL A 95 -0.78 -9.27 -6.75
C VAL A 95 0.55 -8.57 -6.54
N ASP A 96 1.19 -8.87 -5.41
CA ASP A 96 2.59 -8.52 -5.14
C ASP A 96 3.48 -9.51 -5.87
N ALA A 97 4.03 -9.05 -7.00
CA ALA A 97 4.80 -9.87 -7.94
C ALA A 97 6.28 -9.73 -7.61
N VAL A 98 6.86 -10.81 -7.12
CA VAL A 98 8.26 -10.86 -6.71
C VAL A 98 9.01 -11.53 -7.85
N ILE A 99 9.52 -10.70 -8.75
CA ILE A 99 10.03 -11.13 -10.05
C ILE A 99 11.46 -10.69 -10.31
N ASN A 100 12.09 -9.93 -9.42
CA ASN A 100 13.49 -9.55 -9.60
C ASN A 100 14.43 -10.71 -9.26
N HIS A 101 14.01 -11.59 -8.37
CA HIS A 101 14.93 -12.50 -7.70
C HIS A 101 14.21 -13.77 -7.29
N MET A 102 15.01 -14.79 -7.01
CA MET A 102 14.60 -15.96 -6.25
C MET A 102 15.07 -15.77 -4.81
N CYS A 103 15.40 -16.84 -4.10
CA CYS A 103 15.73 -16.71 -2.69
C CYS A 103 17.22 -16.39 -2.45
N GLY A 104 17.56 -16.26 -1.17
CA GLY A 104 18.92 -15.95 -0.81
C GLY A 104 19.90 -17.00 -1.30
N ASN A 105 21.06 -16.55 -1.77
CA ASN A 105 22.04 -17.46 -2.36
C ASN A 105 22.60 -18.45 -1.35
N ALA A 106 22.54 -18.14 -0.05
CA ALA A 106 23.09 -18.98 1.00
C ALA A 106 22.02 -19.80 1.71
N VAL A 107 20.77 -19.72 1.28
CA VAL A 107 19.74 -20.59 1.86
C VAL A 107 20.07 -22.03 1.55
N SER A 108 19.89 -22.90 2.53
CA SER A 108 20.21 -24.31 2.35
C SER A 108 19.27 -24.99 1.36
N ALA A 109 19.83 -25.87 0.55
CA ALA A 109 19.06 -26.63 -0.42
C ALA A 109 18.17 -27.65 0.29
N GLY A 110 17.08 -28.01 -0.38
CA GLY A 110 16.15 -28.98 0.16
C GLY A 110 14.72 -28.63 -0.22
N THR A 111 13.79 -29.00 0.64
CA THR A 111 12.36 -28.80 0.42
C THR A 111 11.72 -27.94 1.50
N SER A 112 12.50 -27.02 2.08
CA SER A 112 11.97 -26.11 3.10
C SER A 112 11.31 -24.94 2.38
N SER A 113 10.13 -25.21 1.84
CA SER A 113 9.40 -24.32 0.96
C SER A 113 7.92 -24.51 1.21
N THR A 114 7.10 -23.52 0.86
CA THR A 114 5.71 -23.54 1.29
C THR A 114 4.85 -24.55 0.53
N CYS A 115 5.32 -25.10 -0.60
CA CYS A 115 4.64 -26.19 -1.28
C CYS A 115 5.50 -27.45 -1.32
N GLY A 116 6.64 -27.45 -0.63
CA GLY A 116 7.53 -28.59 -0.61
C GLY A 116 8.33 -28.80 -1.88
N SER A 117 8.36 -27.83 -2.80
CA SER A 117 9.23 -27.98 -3.96
C SER A 117 10.68 -28.01 -3.55
N TYR A 118 11.48 -28.81 -4.26
CA TYR A 118 12.92 -28.79 -4.08
C TYR A 118 13.52 -27.55 -4.71
N PHE A 119 14.58 -27.06 -4.09
CA PHE A 119 15.38 -25.99 -4.68
C PHE A 119 16.78 -26.06 -4.09
N ASN A 120 17.76 -25.55 -4.83
CA ASN A 120 19.16 -25.60 -4.42
C ASN A 120 19.79 -24.28 -4.80
N PRO A 121 19.78 -23.31 -3.89
CA PRO A 121 20.31 -21.98 -4.23
C PRO A 121 21.77 -22.01 -4.66
N GLY A 122 22.58 -22.81 -3.97
CA GLY A 122 24.00 -22.85 -4.28
C GLY A 122 24.29 -23.33 -5.69
N SER A 123 23.48 -24.24 -6.21
N SER A 123 23.47 -24.24 -6.21
CA SER A 123 23.63 -24.69 -7.59
CA SER A 123 23.61 -24.71 -7.59
C SER A 123 22.72 -23.95 -8.56
C SER A 123 22.72 -23.94 -8.57
N ARG A 124 21.97 -22.95 -8.09
CA ARG A 124 21.11 -22.13 -8.93
C ARG A 124 19.96 -22.93 -9.53
N ASP A 125 19.51 -23.96 -8.83
N ASP A 125 19.56 -24.01 -8.88
CA ASP A 125 18.59 -24.96 -9.35
CA ASP A 125 18.55 -24.92 -9.42
C ASP A 125 17.20 -24.78 -8.71
C ASP A 125 17.21 -24.73 -8.73
N PHE A 126 16.22 -24.32 -9.50
CA PHE A 126 14.84 -24.15 -9.05
C PHE A 126 13.98 -24.97 -10.00
N PRO A 127 13.96 -26.29 -9.83
CA PRO A 127 13.36 -27.15 -10.88
C PRO A 127 11.87 -27.01 -11.00
N ALA A 128 11.19 -26.43 -10.02
CA ALA A 128 9.75 -26.25 -10.12
C ALA A 128 9.36 -25.12 -11.04
N VAL A 129 10.30 -24.30 -11.50
CA VAL A 129 9.99 -23.23 -12.45
C VAL A 129 9.94 -23.72 -13.92
N PRO A 130 11.05 -24.22 -14.49
CA PRO A 130 12.41 -24.37 -13.94
C PRO A 130 13.34 -23.21 -14.29
N TYR A 131 14.24 -22.91 -13.35
CA TYR A 131 15.38 -22.04 -13.57
C TYR A 131 16.65 -22.84 -13.26
N SER A 132 17.73 -22.49 -13.95
CA SER A 132 19.06 -23.04 -13.70
C SER A 132 20.07 -21.89 -13.63
N GLY A 133 21.35 -22.23 -13.50
CA GLY A 133 22.36 -21.19 -13.43
C GLY A 133 22.38 -20.26 -14.61
N TRP A 134 21.91 -20.72 -15.78
CA TRP A 134 21.84 -19.87 -16.96
C TRP A 134 20.89 -18.71 -16.80
N ASP A 135 20.02 -18.75 -15.80
CA ASP A 135 18.93 -17.79 -15.65
C ASP A 135 19.20 -16.72 -14.61
N PHE A 136 20.42 -16.65 -14.07
CA PHE A 136 20.78 -15.68 -13.06
C PHE A 136 21.90 -14.78 -13.55
N ASN A 137 22.13 -13.68 -12.83
CA ASN A 137 23.05 -12.62 -13.22
C ASN A 137 24.46 -12.77 -12.65
N ASP A 138 24.86 -13.98 -12.22
CA ASP A 138 26.21 -14.21 -11.68
C ASP A 138 27.29 -13.63 -12.57
N GLY A 139 27.20 -13.90 -13.88
CA GLY A 139 28.24 -13.45 -14.78
C GLY A 139 28.19 -11.98 -15.11
N LYS A 140 27.02 -11.37 -15.02
N LYS A 140 27.02 -11.38 -15.01
CA LYS A 140 26.83 -9.98 -15.42
CA LYS A 140 26.80 -9.99 -15.41
C LYS A 140 27.21 -9.03 -14.29
C LYS A 140 27.20 -9.03 -14.30
N CYS A 141 26.95 -9.40 -13.05
CA CYS A 141 27.29 -8.54 -11.91
C CYS A 141 28.80 -8.37 -11.81
N LYS A 142 29.23 -7.14 -11.59
CA LYS A 142 30.66 -6.80 -11.52
C LYS A 142 31.18 -6.53 -10.11
N THR A 143 30.37 -6.68 -9.06
CA THR A 143 30.89 -6.38 -7.72
C THR A 143 31.71 -7.54 -7.17
N GLY A 144 32.63 -7.21 -6.26
CA GLY A 144 33.46 -8.25 -5.67
C GLY A 144 32.71 -9.24 -4.81
N SER A 145 31.60 -8.82 -4.20
CA SER A 145 30.81 -9.71 -3.36
C SER A 145 29.73 -10.45 -4.11
N GLY A 146 29.36 -9.97 -5.30
CA GLY A 146 28.18 -10.45 -6.01
C GLY A 146 26.89 -9.82 -5.57
N ASP A 147 26.92 -9.02 -4.50
CA ASP A 147 25.76 -8.36 -3.97
C ASP A 147 25.81 -6.87 -4.33
N ILE A 148 24.67 -6.19 -4.13
CA ILE A 148 24.65 -4.75 -4.25
C ILE A 148 25.44 -4.15 -3.10
N GLU A 149 26.42 -3.32 -3.43
CA GLU A 149 27.30 -2.67 -2.47
C GLU A 149 27.14 -1.16 -2.43
N ASN A 150 26.72 -0.55 -3.54
CA ASN A 150 26.81 0.90 -3.68
C ASN A 150 25.69 1.38 -4.59
N TYR A 151 24.74 2.08 -4.00
CA TYR A 151 23.60 2.56 -4.74
C TYR A 151 23.93 3.74 -5.64
N ASN A 152 25.16 4.27 -5.58
CA ASN A 152 25.59 5.27 -6.54
C ASN A 152 25.96 4.70 -7.88
N ASP A 153 25.99 3.38 -8.03
CA ASP A 153 26.28 2.71 -9.30
C ASP A 153 24.98 2.06 -9.76
N ALA A 154 24.28 2.72 -10.68
CA ALA A 154 22.97 2.25 -11.12
C ALA A 154 23.03 0.88 -11.80
N THR A 155 24.17 0.50 -12.37
CA THR A 155 24.26 -0.80 -13.01
C THR A 155 24.26 -1.93 -11.99
N GLN A 156 25.09 -1.84 -10.94
CA GLN A 156 25.10 -2.92 -9.96
C GLN A 156 23.78 -3.03 -9.22
N VAL A 157 23.05 -1.92 -9.06
CA VAL A 157 21.75 -1.99 -8.39
C VAL A 157 20.82 -2.93 -9.13
N ARG A 158 20.94 -2.98 -10.46
CA ARG A 158 20.10 -3.82 -11.30
C ARG A 158 20.65 -5.22 -11.53
N ASP A 159 21.98 -5.38 -11.59
CA ASP A 159 22.57 -6.63 -12.05
C ASP A 159 23.09 -7.52 -10.94
N CYS A 160 23.16 -7.01 -9.71
CA CYS A 160 23.74 -7.72 -8.58
C CYS A 160 22.66 -8.08 -7.57
N ARG A 161 23.03 -8.90 -6.58
CA ARG A 161 22.08 -9.49 -5.66
C ARG A 161 21.68 -8.52 -4.56
N LEU A 162 20.40 -8.19 -4.51
CA LEU A 162 19.83 -7.37 -3.43
C LEU A 162 19.89 -8.19 -2.16
N THR A 163 20.71 -7.79 -1.21
CA THR A 163 20.78 -8.50 0.07
C THR A 163 21.13 -9.97 -0.14
N GLY A 164 21.86 -10.32 -1.19
CA GLY A 164 22.19 -11.71 -1.46
C GLY A 164 21.12 -12.51 -2.18
N LEU A 165 19.97 -11.93 -2.52
CA LEU A 165 18.92 -12.65 -3.21
C LEU A 165 19.33 -12.92 -4.65
N LEU A 166 19.21 -14.17 -5.09
CA LEU A 166 19.65 -14.57 -6.43
C LEU A 166 18.91 -13.75 -7.49
N ASP A 167 19.68 -13.09 -8.36
CA ASP A 167 19.15 -12.03 -9.23
C ASP A 167 18.86 -12.60 -10.61
N LEU A 168 17.60 -12.60 -11.02
CA LEU A 168 17.22 -13.20 -12.28
C LEU A 168 17.74 -12.41 -13.47
N ALA A 169 18.09 -13.13 -14.54
CA ALA A 169 18.62 -12.53 -15.78
C ALA A 169 17.45 -12.08 -16.65
N LEU A 170 16.90 -10.93 -16.29
CA LEU A 170 15.66 -10.43 -16.88
C LEU A 170 15.83 -9.93 -18.31
N GLU A 171 17.06 -9.90 -18.85
CA GLU A 171 17.24 -9.63 -20.27
CA GLU A 171 17.21 -9.63 -20.27
C GLU A 171 16.86 -10.83 -21.13
N LYS A 172 16.83 -12.03 -20.54
CA LYS A 172 16.67 -13.25 -21.32
C LYS A 172 15.20 -13.50 -21.64
N ASP A 173 14.91 -13.82 -22.90
CA ASP A 173 13.53 -14.11 -23.25
C ASP A 173 12.98 -15.28 -22.46
N TYR A 174 13.79 -16.31 -22.17
CA TYR A 174 13.29 -17.45 -21.40
C TYR A 174 12.79 -16.98 -20.03
N VAL A 175 13.59 -16.18 -19.33
CA VAL A 175 13.24 -15.72 -18.00
C VAL A 175 12.02 -14.80 -18.06
N ARG A 176 12.03 -13.84 -18.99
CA ARG A 176 10.87 -12.99 -19.18
C ARG A 176 9.61 -13.82 -19.43
N SER A 177 9.75 -14.89 -20.19
N SER A 177 9.74 -14.90 -20.18
CA SER A 177 8.60 -15.73 -20.53
CA SER A 177 8.61 -15.74 -20.52
C SER A 177 8.10 -16.54 -19.34
C SER A 177 8.10 -16.51 -19.30
N LYS A 178 9.01 -17.01 -18.46
CA LYS A 178 8.55 -17.71 -17.26
C LYS A 178 7.83 -16.76 -16.31
N ILE A 179 8.32 -15.53 -16.19
CA ILE A 179 7.63 -14.55 -15.37
C ILE A 179 6.28 -14.21 -15.97
N ALA A 180 6.23 -14.01 -17.30
CA ALA A 180 4.95 -13.70 -17.92
C ALA A 180 3.98 -14.86 -17.83
N GLU A 181 4.48 -16.10 -17.86
CA GLU A 181 3.62 -17.27 -17.68
C GLU A 181 2.93 -17.22 -16.32
N TYR A 182 3.70 -16.91 -15.28
CA TYR A 182 3.16 -16.74 -13.93
C TYR A 182 2.14 -15.61 -13.90
N MET A 183 2.51 -14.44 -14.41
CA MET A 183 1.63 -13.27 -14.35
C MET A 183 0.37 -13.47 -15.17
N ASN A 184 0.48 -14.13 -16.32
CA ASN A 184 -0.69 -14.38 -17.15
C ASN A 184 -1.61 -15.43 -16.54
N HIS A 185 -1.05 -16.40 -15.81
CA HIS A 185 -1.87 -17.32 -15.04
C HIS A 185 -2.76 -16.51 -14.10
N LEU A 186 -2.16 -15.55 -13.40
CA LEU A 186 -2.88 -14.70 -12.46
C LEU A 186 -3.89 -13.80 -13.15
N ILE A 187 -3.50 -13.16 -14.25
CA ILE A 187 -4.45 -12.33 -14.99
C ILE A 187 -5.64 -13.17 -15.44
N ASP A 188 -5.39 -14.36 -15.96
CA ASP A 188 -6.50 -15.16 -16.47
C ASP A 188 -7.40 -15.69 -15.35
N ILE A 189 -6.87 -15.82 -14.13
CA ILE A 189 -7.66 -16.09 -12.92
C ILE A 189 -8.59 -14.94 -12.60
N GLY A 190 -8.18 -13.70 -12.90
CA GLY A 190 -8.99 -12.54 -12.67
C GLY A 190 -8.35 -11.40 -11.91
N VAL A 191 -7.04 -11.46 -11.68
CA VAL A 191 -6.38 -10.34 -11.00
CA VAL A 191 -6.36 -10.36 -11.01
C VAL A 191 -6.39 -9.11 -11.88
N ALA A 192 -6.47 -7.94 -11.25
CA ALA A 192 -6.62 -6.66 -11.93
C ALA A 192 -5.30 -5.93 -12.15
N GLY A 193 -4.21 -6.37 -11.52
CA GLY A 193 -2.94 -5.70 -11.66
C GLY A 193 -1.95 -6.20 -10.65
N PHE A 194 -0.83 -5.48 -10.59
CA PHE A 194 0.33 -5.97 -9.86
C PHE A 194 1.10 -4.83 -9.23
N ARG A 195 1.60 -5.09 -8.03
CA ARG A 195 2.74 -4.40 -7.45
C ARG A 195 3.99 -5.11 -7.95
N LEU A 196 4.90 -4.40 -8.60
CA LEU A 196 6.15 -5.03 -9.04
C LEU A 196 7.19 -4.76 -7.95
N ASP A 197 7.45 -5.78 -7.12
CA ASP A 197 8.41 -5.68 -6.04
C ASP A 197 9.79 -5.38 -6.59
N ALA A 198 10.54 -4.56 -5.84
CA ALA A 198 11.95 -4.36 -6.12
C ALA A 198 12.19 -3.86 -7.54
N SER A 199 11.32 -2.96 -8.01
CA SER A 199 11.46 -2.47 -9.39
C SER A 199 12.72 -1.65 -9.60
N LYS A 200 13.24 -0.97 -8.57
CA LYS A 200 14.49 -0.25 -8.73
C LYS A 200 15.60 -1.19 -9.15
N HIS A 201 15.49 -2.47 -8.80
CA HIS A 201 16.47 -3.49 -9.06
C HIS A 201 16.31 -4.17 -10.40
N MET A 202 15.40 -3.67 -11.22
CA MET A 202 15.16 -4.15 -12.57
C MET A 202 15.34 -2.98 -13.53
N TRP A 203 15.86 -3.26 -14.72
CA TRP A 203 15.96 -2.24 -15.75
C TRP A 203 14.57 -1.89 -16.25
N PRO A 204 14.27 -0.60 -16.44
CA PRO A 204 12.98 -0.22 -17.03
C PRO A 204 12.60 -1.00 -18.28
N GLY A 205 13.57 -1.23 -19.16
CA GLY A 205 13.29 -1.90 -20.41
C GLY A 205 13.04 -3.38 -20.25
N ASP A 206 13.62 -4.02 -19.24
CA ASP A 206 13.30 -5.42 -18.98
C ASP A 206 11.89 -5.55 -18.43
N ILE A 207 11.49 -4.66 -17.51
CA ILE A 207 10.10 -4.63 -17.07
C ILE A 207 9.19 -4.46 -18.27
N LYS A 208 9.50 -3.50 -19.15
CA LYS A 208 8.64 -3.26 -20.30
C LYS A 208 8.49 -4.52 -21.15
N ALA A 209 9.60 -5.23 -21.38
CA ALA A 209 9.54 -6.45 -22.19
C ALA A 209 8.66 -7.51 -21.56
N ILE A 210 8.67 -7.63 -20.22
CA ILE A 210 7.77 -8.55 -19.54
C ILE A 210 6.33 -8.08 -19.70
N LEU A 211 6.07 -6.80 -19.46
CA LEU A 211 4.71 -6.27 -19.57
C LEU A 211 4.14 -6.45 -20.97
N ASP A 212 5.00 -6.40 -21.99
CA ASP A 212 4.57 -6.61 -23.37
C ASP A 212 4.05 -8.01 -23.62
N LYS A 213 4.38 -8.97 -22.75
CA LYS A 213 3.90 -10.33 -22.86
C LYS A 213 2.59 -10.54 -22.11
N LEU A 214 2.07 -9.56 -21.38
CA LEU A 214 0.91 -9.79 -20.53
C LEU A 214 -0.39 -9.67 -21.30
N HIS A 215 -1.35 -10.46 -20.87
CA HIS A 215 -2.71 -10.43 -21.37
C HIS A 215 -3.44 -9.17 -20.93
N ASN A 216 -4.53 -8.89 -21.64
CA ASN A 216 -5.55 -8.02 -21.10
C ASN A 216 -6.35 -8.77 -20.02
N LEU A 217 -7.06 -8.01 -19.20
CA LEU A 217 -7.76 -8.57 -18.07
C LEU A 217 -8.87 -9.52 -18.49
N ASN A 218 -9.25 -10.40 -17.57
CA ASN A 218 -10.19 -11.45 -17.88
C ASN A 218 -11.54 -10.85 -18.31
N SER A 219 -11.96 -11.20 -19.52
CA SER A 219 -13.09 -10.54 -20.16
C SER A 219 -14.44 -11.00 -19.62
N ASN A 220 -14.47 -11.94 -18.67
CA ASN A 220 -15.71 -12.22 -17.96
C ASN A 220 -16.05 -11.14 -16.96
N TRP A 221 -15.05 -10.41 -16.47
CA TRP A 221 -15.28 -9.34 -15.50
C TRP A 221 -14.92 -7.95 -16.00
N PHE A 222 -14.02 -7.82 -16.96
CA PHE A 222 -13.49 -6.54 -17.34
C PHE A 222 -13.79 -6.26 -18.80
N PRO A 223 -13.98 -4.99 -19.16
CA PRO A 223 -14.18 -4.65 -20.57
C PRO A 223 -13.02 -5.11 -21.44
N ALA A 224 -13.33 -5.40 -22.71
CA ALA A 224 -12.29 -5.85 -23.63
C ALA A 224 -11.15 -4.85 -23.66
N GLY A 225 -9.93 -5.35 -23.73
CA GLY A 225 -8.78 -4.50 -23.90
C GLY A 225 -8.33 -3.78 -22.64
N SER A 226 -8.75 -4.20 -21.46
CA SER A 226 -8.31 -3.59 -20.21
C SER A 226 -6.90 -4.07 -19.90
N LYS A 227 -6.01 -3.16 -19.60
CA LYS A 227 -4.63 -3.52 -19.26
C LYS A 227 -4.49 -3.66 -17.75
N PRO A 228 -3.68 -4.61 -17.28
CA PRO A 228 -3.41 -4.69 -15.84
C PRO A 228 -2.85 -3.38 -15.31
N PHE A 229 -3.31 -3.00 -14.14
CA PHE A 229 -2.74 -1.88 -13.40
C PHE A 229 -1.35 -2.29 -12.93
N ILE A 230 -0.36 -1.44 -13.15
CA ILE A 230 1.01 -1.71 -12.76
C ILE A 230 1.47 -0.59 -11.84
N TYR A 231 1.92 -0.95 -10.62
CA TYR A 231 2.59 0.01 -9.77
C TYR A 231 3.91 -0.60 -9.35
N GLN A 232 4.98 0.09 -9.69
CA GLN A 232 6.34 -0.38 -9.50
C GLN A 232 6.88 0.13 -8.18
N GLU A 233 7.39 -0.79 -7.34
CA GLU A 233 8.02 -0.39 -6.08
C GLU A 233 9.42 0.12 -6.40
N VAL A 234 9.56 1.43 -6.45
CA VAL A 234 10.83 2.11 -6.63
C VAL A 234 10.99 3.00 -5.42
N ILE A 235 11.98 2.71 -4.59
CA ILE A 235 12.29 3.53 -3.44
C ILE A 235 13.25 4.63 -3.91
N ASP A 236 12.73 5.83 -4.09
CA ASP A 236 13.50 6.96 -4.62
C ASP A 236 13.23 8.15 -3.70
N LEU A 237 14.13 8.37 -2.75
CA LEU A 237 14.04 9.50 -1.86
C LEU A 237 14.93 10.66 -2.30
N GLY A 238 15.45 10.61 -3.52
CA GLY A 238 16.42 11.57 -3.97
C GLY A 238 17.84 11.12 -3.63
N GLY A 239 18.81 11.83 -4.17
CA GLY A 239 20.18 11.58 -3.78
C GLY A 239 20.78 10.27 -4.22
N GLU A 240 20.10 9.47 -5.04
CA GLU A 240 20.67 8.35 -5.74
C GLU A 240 20.51 8.58 -7.24
N PRO A 241 21.34 7.93 -8.07
CA PRO A 241 21.19 8.13 -9.51
C PRO A 241 19.90 7.61 -10.08
N ILE A 242 19.36 6.52 -9.57
CA ILE A 242 18.13 5.96 -10.14
C ILE A 242 16.95 6.83 -9.74
N LYS A 243 16.20 7.29 -10.75
CA LYS A 243 15.01 8.09 -10.56
C LYS A 243 13.78 7.30 -10.96
N SER A 244 12.71 7.40 -10.17
CA SER A 244 11.53 6.63 -10.50
CA SER A 244 11.51 6.65 -10.48
C SER A 244 10.91 7.05 -11.82
N SER A 245 11.18 8.27 -12.31
CA SER A 245 10.66 8.69 -13.60
C SER A 245 11.13 7.80 -14.73
N ASP A 246 12.27 7.10 -14.57
CA ASP A 246 12.69 6.20 -15.62
C ASP A 246 11.70 5.06 -15.85
N TYR A 247 10.76 4.85 -14.92
CA TYR A 247 9.82 3.75 -14.96
C TYR A 247 8.43 4.17 -15.43
N PHE A 248 8.23 5.46 -15.78
CA PHE A 248 6.88 5.95 -16.09
C PHE A 248 6.28 5.32 -17.34
N GLY A 249 7.09 4.85 -18.29
CA GLY A 249 6.55 4.19 -19.47
C GLY A 249 5.96 2.83 -19.20
N ASN A 250 6.15 2.28 -17.99
CA ASN A 250 5.64 0.97 -17.64
C ASN A 250 4.38 1.00 -16.80
N GLY A 251 4.15 2.06 -16.03
CA GLY A 251 3.10 2.05 -15.05
C GLY A 251 3.33 3.15 -14.03
N ARG A 252 2.51 3.11 -12.99
CA ARG A 252 2.73 3.99 -11.85
C ARG A 252 3.95 3.54 -11.05
N VAL A 253 4.36 4.39 -10.11
CA VAL A 253 5.42 4.10 -9.16
C VAL A 253 4.94 4.41 -7.75
N THR A 254 5.44 3.65 -6.80
CA THR A 254 5.29 4.02 -5.39
C THR A 254 6.02 5.33 -5.12
N GLU A 255 5.35 6.26 -4.48
CA GLU A 255 5.98 7.55 -4.11
C GLU A 255 6.31 7.49 -2.61
N PHE A 256 7.49 6.97 -2.28
CA PHE A 256 7.90 6.88 -0.88
C PHE A 256 8.20 8.24 -0.26
N LYS A 257 8.43 9.29 -1.06
CA LYS A 257 8.60 10.60 -0.45
C LYS A 257 7.32 11.06 0.24
N TYR A 258 6.17 10.55 -0.21
CA TYR A 258 4.87 10.99 0.28
C TYR A 258 4.74 10.73 1.78
N GLY A 259 4.89 9.48 2.20
CA GLY A 259 4.75 9.16 3.60
C GLY A 259 5.91 9.66 4.43
N ALA A 260 7.11 9.71 3.85
CA ALA A 260 8.25 10.24 4.58
C ALA A 260 8.03 11.70 4.95
N LYS A 261 7.61 12.49 3.98
CA LYS A 261 7.39 13.91 4.23
C LYS A 261 6.14 14.14 5.05
N LEU A 262 5.07 13.39 4.79
CA LEU A 262 3.87 13.60 5.58
C LEU A 262 4.13 13.26 7.04
N GLY A 263 4.92 12.23 7.29
CA GLY A 263 5.32 11.90 8.65
C GLY A 263 6.13 12.99 9.31
N THR A 264 7.12 13.53 8.60
N THR A 264 7.11 13.56 8.61
CA THR A 264 7.88 14.63 9.19
CA THR A 264 7.88 14.61 9.29
C THR A 264 7.00 15.83 9.49
C THR A 264 7.09 15.91 9.42
N VAL A 265 6.06 16.14 8.61
CA VAL A 265 5.18 17.29 8.82
C VAL A 265 4.28 17.06 10.02
N ILE A 266 3.60 15.91 10.07
CA ILE A 266 2.64 15.67 11.14
C ILE A 266 3.34 15.50 12.49
N ARG A 267 4.57 14.97 12.49
CA ARG A 267 5.37 14.92 13.70
C ARG A 267 6.01 16.26 14.05
N LYS A 268 5.94 17.24 13.16
CA LYS A 268 6.50 18.58 13.37
C LYS A 268 8.02 18.51 13.53
N TRP A 269 8.65 17.62 12.78
CA TRP A 269 10.10 17.51 12.81
C TRP A 269 10.72 18.62 12.00
N ASN A 270 11.85 19.11 12.52
CA ASN A 270 12.69 20.05 11.78
C ASN A 270 11.92 21.30 11.38
N GLY A 271 11.03 21.74 12.25
CA GLY A 271 10.29 22.95 11.97
C GLY A 271 9.19 22.83 10.94
N GLU A 272 8.89 21.64 10.45
N GLU A 272 8.92 21.62 10.45
CA GLU A 272 7.82 21.50 9.48
CA GLU A 272 7.81 21.42 9.51
C GLU A 272 6.47 21.61 10.17
C GLU A 272 6.48 21.67 10.19
N LYS A 273 5.48 22.02 9.39
CA LYS A 273 4.15 22.23 9.93
C LYS A 273 3.12 22.10 8.84
N MET A 274 1.88 21.87 9.27
CA MET A 274 0.83 21.52 8.32
C MET A 274 0.49 22.68 7.39
N SER A 275 0.74 23.92 7.80
CA SER A 275 0.50 25.05 6.89
C SER A 275 1.32 24.91 5.60
N TYR A 276 2.44 24.20 5.65
CA TYR A 276 3.27 24.04 4.48
C TYR A 276 2.64 23.12 3.44
N LEU A 277 1.58 22.37 3.81
CA LEU A 277 0.96 21.41 2.92
C LEU A 277 0.06 22.07 1.87
N LYS A 278 -0.07 23.39 1.84
CA LYS A 278 -0.95 24.01 0.86
C LYS A 278 -0.60 23.58 -0.57
N ASN A 279 0.70 23.42 -0.86
CA ASN A 279 1.16 23.04 -2.19
C ASN A 279 1.62 21.59 -2.27
N TRP A 280 1.08 20.74 -1.38
CA TRP A 280 1.33 19.30 -1.41
C TRP A 280 1.13 18.74 -2.81
N GLY A 281 2.04 17.84 -3.21
CA GLY A 281 2.03 17.26 -4.54
C GLY A 281 3.38 17.46 -5.21
N GLU A 282 3.34 17.73 -6.52
CA GLU A 282 4.59 17.92 -7.27
C GLU A 282 5.45 19.05 -6.72
N GLY A 283 4.82 20.04 -6.07
CA GLY A 283 5.58 21.11 -5.44
C GLY A 283 6.52 20.65 -4.35
N TRP A 284 6.30 19.46 -3.80
CA TRP A 284 7.19 18.88 -2.81
C TRP A 284 8.24 17.97 -3.43
N GLY A 285 8.36 17.96 -4.74
CA GLY A 285 9.33 17.12 -5.43
C GLY A 285 8.79 15.75 -5.79
N PHE A 286 7.49 15.53 -5.72
CA PHE A 286 6.91 14.23 -5.96
C PHE A 286 6.69 13.99 -7.46
N VAL A 287 6.48 12.73 -7.81
CA VAL A 287 6.17 12.34 -9.18
C VAL A 287 4.83 12.98 -9.59
N PRO A 288 4.51 13.02 -10.87
CA PRO A 288 3.17 13.45 -11.26
C PRO A 288 2.11 12.60 -10.58
N SER A 289 1.01 13.25 -10.22
CA SER A 289 -0.08 12.58 -9.53
C SER A 289 -0.57 11.34 -10.28
N ASP A 290 -0.68 11.44 -11.61
CA ASP A 290 -1.14 10.34 -12.44
C ASP A 290 -0.15 9.18 -12.57
N ARG A 291 1.02 9.29 -11.95
CA ARG A 291 1.96 8.19 -11.88
C ARG A 291 2.22 7.74 -10.45
N ALA A 292 1.50 8.27 -9.48
CA ALA A 292 1.79 8.00 -8.08
C ALA A 292 0.83 6.98 -7.47
N LEU A 293 1.41 6.04 -6.73
CA LEU A 293 0.73 5.20 -5.76
C LEU A 293 1.22 5.70 -4.41
N VAL A 294 0.31 6.20 -3.58
CA VAL A 294 0.63 6.87 -2.34
C VAL A 294 0.09 6.10 -1.15
N PHE A 295 0.68 6.35 0.00
CA PHE A 295 0.43 5.61 1.23
C PHE A 295 1.18 6.32 2.34
N VAL A 296 0.69 6.17 3.57
CA VAL A 296 1.36 6.72 4.74
C VAL A 296 2.51 5.82 5.17
N ASP A 297 2.24 4.52 5.26
CA ASP A 297 3.21 3.50 5.58
C ASP A 297 2.99 2.31 4.67
N ASN A 298 4.01 1.46 4.56
CA ASN A 298 3.86 0.18 3.91
C ASN A 298 4.40 -0.91 4.85
N HIS A 299 4.37 -2.13 4.34
CA HIS A 299 4.65 -3.26 5.19
C HIS A 299 6.10 -3.26 5.67
N ASP A 300 7.03 -2.74 4.86
CA ASP A 300 8.42 -2.67 5.25
C ASP A 300 8.68 -1.49 6.18
N ASN A 301 8.29 -0.29 5.76
CA ASN A 301 8.69 0.89 6.49
C ASN A 301 7.88 1.13 7.76
N GLN A 302 6.79 0.40 7.98
CA GLN A 302 6.13 0.49 9.27
C GLN A 302 6.94 -0.14 10.38
N ARG A 303 7.99 -0.86 10.03
CA ARG A 303 8.89 -1.42 11.02
C ARG A 303 10.05 -0.50 11.37
N GLY A 304 10.12 0.69 10.76
CA GLY A 304 10.92 1.80 11.28
C GLY A 304 12.27 2.01 10.66
N HIS A 305 12.75 1.08 9.85
CA HIS A 305 14.01 1.35 9.15
C HIS A 305 13.89 0.99 7.67
N GLY A 306 12.78 1.41 7.08
CA GLY A 306 12.62 1.43 5.65
C GLY A 306 12.75 2.84 5.13
N ALA A 307 12.15 3.08 3.95
CA ALA A 307 12.22 4.39 3.31
C ALA A 307 11.43 5.38 4.16
N GLY A 308 12.14 6.38 4.73
CA GLY A 308 11.59 7.34 5.68
C GLY A 308 12.01 7.10 7.11
N GLY A 309 12.57 5.92 7.41
CA GLY A 309 13.06 5.64 8.73
C GLY A 309 12.02 5.97 9.77
N ALA A 310 12.45 6.67 10.79
CA ALA A 310 11.63 6.88 11.96
C ALA A 310 10.52 7.89 11.71
N SER A 311 10.50 8.65 10.59
CA SER A 311 9.41 9.60 10.40
C SER A 311 8.10 8.90 10.08
N ILE A 312 8.15 7.67 9.57
CA ILE A 312 6.94 7.01 9.10
C ILE A 312 5.95 6.84 10.26
N LEU A 313 4.72 7.24 10.04
CA LEU A 313 3.63 7.03 10.96
C LEU A 313 2.96 5.70 10.72
N THR A 314 2.58 5.02 11.80
CA THR A 314 1.98 3.69 11.73
C THR A 314 0.84 3.60 12.72
N PHE A 315 0.16 2.45 12.71
CA PHE A 315 -0.93 2.22 13.65
C PHE A 315 -0.48 2.35 15.11
N TRP A 316 0.81 2.14 15.39
CA TRP A 316 1.31 2.31 16.76
C TRP A 316 1.17 3.74 17.22
N ASP A 317 1.17 4.67 16.28
CA ASP A 317 1.00 6.12 16.49
C ASP A 317 -0.42 6.52 16.16
N ALA A 318 -1.42 5.83 16.73
CA ALA A 318 -2.77 5.83 16.16
C ALA A 318 -3.34 7.23 15.93
N ARG A 319 -3.21 8.12 16.91
CA ARG A 319 -3.83 9.45 16.79
C ARG A 319 -3.27 10.23 15.61
N LEU A 320 -1.94 10.35 15.54
CA LEU A 320 -1.32 11.06 14.43
C LEU A 320 -1.52 10.30 13.12
N TYR A 321 -1.51 8.96 13.17
CA TYR A 321 -1.69 8.13 11.99
C TYR A 321 -3.05 8.39 11.34
N LYS A 322 -4.11 8.42 12.14
CA LYS A 322 -5.43 8.68 11.56
C LYS A 322 -5.47 10.03 10.87
N MET A 323 -4.81 11.03 11.48
N MET A 323 -4.77 11.01 11.41
CA MET A 323 -4.70 12.35 10.88
CA MET A 323 -4.79 12.31 10.78
C MET A 323 -4.01 12.30 9.53
C MET A 323 -3.99 12.33 9.49
N ALA A 324 -2.85 11.62 9.47
CA ALA A 324 -2.08 11.54 8.23
C ALA A 324 -2.88 10.80 7.15
N VAL A 325 -3.49 9.68 7.51
CA VAL A 325 -4.31 8.92 6.56
C VAL A 325 -5.47 9.78 6.08
N GLY A 326 -6.08 10.53 6.99
CA GLY A 326 -7.18 11.40 6.62
C GLY A 326 -6.76 12.49 5.64
N PHE A 327 -5.63 13.12 5.89
CA PHE A 327 -5.11 14.11 4.95
C PHE A 327 -4.89 13.48 3.58
N MET A 328 -4.23 12.32 3.56
CA MET A 328 -3.97 11.63 2.30
C MET A 328 -5.28 11.34 1.55
N LEU A 329 -6.26 10.78 2.25
CA LEU A 329 -7.51 10.36 1.60
C LEU A 329 -8.35 11.55 1.14
N ALA A 330 -8.19 12.71 1.78
CA ALA A 330 -8.92 13.89 1.34
C ALA A 330 -8.24 14.60 0.18
N HIS A 331 -6.92 14.50 0.06
CA HIS A 331 -6.18 15.30 -0.89
C HIS A 331 -6.17 14.62 -2.25
N PRO A 332 -6.33 15.36 -3.36
CA PRO A 332 -6.47 14.67 -4.65
C PRO A 332 -5.23 14.00 -5.18
N TYR A 333 -4.04 14.30 -4.68
CA TYR A 333 -2.83 13.73 -5.27
C TYR A 333 -2.78 12.22 -5.13
N GLY A 334 -2.49 11.54 -6.24
CA GLY A 334 -2.15 10.13 -6.22
C GLY A 334 -3.33 9.19 -6.14
N PHE A 335 -3.02 7.90 -6.34
CA PHE A 335 -3.95 6.80 -6.09
C PHE A 335 -3.58 6.19 -4.74
N THR A 336 -4.55 6.11 -3.85
CA THR A 336 -4.29 5.83 -2.44
C THR A 336 -4.38 4.34 -2.07
N ARG A 337 -3.39 3.92 -1.29
CA ARG A 337 -3.37 2.60 -0.67
C ARG A 337 -3.35 2.75 0.85
N VAL A 338 -4.31 2.10 1.49
CA VAL A 338 -4.42 2.03 2.93
CA VAL A 338 -4.40 2.05 2.94
C VAL A 338 -3.76 0.75 3.41
N MET A 339 -2.98 0.84 4.47
CA MET A 339 -2.32 -0.30 5.07
C MET A 339 -3.27 -1.01 6.04
N SER A 340 -3.16 -2.34 6.11
CA SER A 340 -3.86 -3.10 7.13
C SER A 340 -2.87 -4.11 7.69
N SER A 341 -2.65 -4.06 9.01
CA SER A 341 -1.48 -4.65 9.62
C SER A 341 -1.85 -5.72 10.63
N TYR A 342 -0.81 -6.40 11.13
CA TYR A 342 -0.91 -7.19 12.34
C TYR A 342 -0.01 -6.62 13.42
N ARG A 343 -0.38 -6.90 14.66
CA ARG A 343 0.42 -6.51 15.80
C ARG A 343 1.50 -7.54 16.03
N TRP A 344 2.64 -7.09 16.50
CA TRP A 344 3.73 -7.97 16.87
C TRP A 344 4.37 -7.36 18.10
N PRO A 345 5.21 -8.13 18.83
CA PRO A 345 5.82 -7.63 20.09
C PRO A 345 7.03 -6.75 19.78
N ARG A 346 6.76 -5.51 19.40
CA ARG A 346 7.81 -4.58 19.02
C ARG A 346 8.68 -4.30 20.25
N GLN A 347 10.01 -4.42 20.10
CA GLN A 347 10.95 -4.36 21.23
C GLN A 347 12.18 -3.59 20.77
N PHE A 348 12.21 -2.31 21.11
CA PHE A 348 13.33 -1.46 20.72
C PHE A 348 14.52 -1.68 21.65
N GLN A 349 15.69 -1.89 21.05
CA GLN A 349 16.96 -1.90 21.74
C GLN A 349 17.89 -1.02 20.94
N ASN A 350 18.46 -0.01 21.59
CA ASN A 350 19.36 0.92 20.94
C ASN A 350 18.70 1.56 19.71
N GLY A 351 17.39 1.81 19.81
CA GLY A 351 16.66 2.55 18.78
C GLY A 351 16.12 1.72 17.63
N ASN A 352 16.27 0.40 17.66
CA ASN A 352 15.82 -0.46 16.58
C ASN A 352 15.03 -1.64 17.14
N ASP A 353 13.99 -2.03 16.43
CA ASP A 353 13.10 -3.09 16.90
C ASP A 353 13.67 -4.46 16.56
N VAL A 354 14.10 -5.19 17.59
CA VAL A 354 14.69 -6.52 17.36
C VAL A 354 13.68 -7.57 16.92
N ASN A 355 12.39 -7.29 17.06
CA ASN A 355 11.34 -8.21 16.62
C ASN A 355 10.69 -7.77 15.32
N ASP A 356 11.37 -6.95 14.53
CA ASP A 356 10.80 -6.48 13.28
C ASP A 356 10.64 -7.57 12.22
N TRP A 357 11.20 -8.76 12.45
CA TRP A 357 11.06 -9.89 11.55
C TRP A 357 9.77 -10.68 11.77
N VAL A 358 9.13 -10.50 12.93
CA VAL A 358 8.07 -11.42 13.32
C VAL A 358 6.99 -11.44 12.25
N GLY A 359 6.56 -12.66 11.90
CA GLY A 359 5.54 -12.88 10.90
C GLY A 359 4.15 -12.71 11.47
N PRO A 360 3.15 -12.98 10.64
CA PRO A 360 1.76 -12.79 11.04
C PRO A 360 1.35 -13.67 12.21
N PRO A 361 0.28 -13.29 12.89
CA PRO A 361 -0.24 -14.12 13.99
C PRO A 361 -0.41 -15.55 13.54
N ASN A 362 0.03 -16.49 14.39
CA ASN A 362 0.10 -17.87 13.93
C ASN A 362 0.05 -18.80 15.13
N ASN A 363 -0.38 -20.03 14.85
CA ASN A 363 -0.28 -21.15 15.76
C ASN A 363 0.63 -22.17 15.11
N ASN A 364 1.81 -22.36 15.69
CA ASN A 364 2.79 -23.28 15.13
C ASN A 364 3.06 -23.03 13.66
N GLY A 365 3.10 -21.75 13.26
CA GLY A 365 3.39 -21.40 11.90
C GLY A 365 2.19 -21.31 10.98
N VAL A 366 1.01 -21.72 11.43
CA VAL A 366 -0.21 -21.63 10.62
C VAL A 366 -0.86 -20.29 10.91
N ILE A 367 -1.04 -19.47 9.87
CA ILE A 367 -1.57 -18.12 10.05
C ILE A 367 -2.97 -18.19 10.65
N LYS A 368 -3.22 -17.34 11.65
CA LYS A 368 -4.53 -17.31 12.30
C LYS A 368 -5.58 -16.65 11.42
N GLU A 369 -6.81 -17.12 11.55
CA GLU A 369 -7.94 -16.45 10.92
C GLU A 369 -8.12 -15.03 11.44
N VAL A 370 -8.74 -14.19 10.61
CA VAL A 370 -9.18 -12.87 11.05
C VAL A 370 -10.56 -13.05 11.66
N THR A 371 -10.69 -12.73 12.93
CA THR A 371 -11.99 -12.76 13.59
C THR A 371 -12.52 -11.33 13.66
N ILE A 372 -13.84 -11.21 13.55
CA ILE A 372 -14.51 -9.91 13.57
C ILE A 372 -15.26 -9.81 14.88
N ASN A 373 -14.98 -8.76 15.62
CA ASN A 373 -15.64 -8.50 16.88
C ASN A 373 -16.97 -7.81 16.66
N PRO A 374 -17.86 -7.86 17.64
CA PRO A 374 -19.16 -7.18 17.49
C PRO A 374 -19.02 -5.70 17.17
N ASP A 375 -17.99 -5.02 17.66
CA ASP A 375 -17.82 -3.59 17.37
C ASP A 375 -17.17 -3.32 16.01
N THR A 376 -16.93 -4.35 15.23
CA THR A 376 -16.39 -4.34 13.86
C THR A 376 -14.86 -4.24 13.79
N THR A 377 -14.17 -4.20 14.93
CA THR A 377 -12.73 -4.38 14.96
C THR A 377 -12.41 -5.87 14.75
N CYS A 378 -11.13 -6.18 14.68
CA CYS A 378 -10.67 -7.54 14.46
C CYS A 378 -9.99 -8.09 15.70
N GLY A 379 -10.06 -9.41 15.85
CA GLY A 379 -9.32 -10.11 16.87
C GLY A 379 -8.09 -10.79 16.30
N ASN A 380 -7.50 -11.66 17.13
CA ASN A 380 -6.34 -12.48 16.76
C ASN A 380 -5.14 -11.65 16.36
N ASP A 381 -5.02 -10.44 16.89
CA ASP A 381 -3.86 -9.56 16.70
C ASP A 381 -3.81 -8.94 15.31
N TRP A 382 -4.88 -9.04 14.53
CA TRP A 382 -4.98 -8.25 13.31
C TRP A 382 -5.44 -6.85 13.68
N VAL A 383 -4.72 -5.84 13.21
CA VAL A 383 -5.04 -4.46 13.57
C VAL A 383 -6.27 -3.96 12.83
N CYS A 384 -6.41 -4.32 11.54
CA CYS A 384 -7.55 -3.90 10.74
C CYS A 384 -7.76 -2.38 10.76
N GLU A 385 -6.69 -1.63 10.46
CA GLU A 385 -6.82 -0.18 10.33
C GLU A 385 -7.92 0.21 9.37
N HIS A 386 -8.13 -0.58 8.32
CA HIS A 386 -9.13 -0.24 7.31
C HIS A 386 -10.55 -0.32 7.85
N ARG A 387 -10.75 -0.92 9.03
CA ARG A 387 -12.02 -0.92 9.73
C ARG A 387 -12.13 0.17 10.79
N TRP A 388 -11.06 0.88 11.10
CA TRP A 388 -11.22 2.00 12.03
C TRP A 388 -12.18 3.00 11.43
N ARG A 389 -13.15 3.47 12.21
CA ARG A 389 -14.17 4.38 11.68
C ARG A 389 -13.54 5.55 10.94
N GLN A 390 -12.49 6.13 11.54
CA GLN A 390 -11.88 7.35 11.03
C GLN A 390 -11.19 7.12 9.70
N ILE A 391 -10.74 5.90 9.44
CA ILE A 391 -10.11 5.55 8.16
C ILE A 391 -11.14 5.09 7.15
N ARG A 392 -11.99 4.13 7.51
CA ARG A 392 -13.05 3.70 6.60
C ARG A 392 -13.89 4.88 6.12
N ASN A 393 -14.24 5.81 7.00
CA ASN A 393 -15.08 6.92 6.58
C ASN A 393 -14.33 7.86 5.65
N MET A 394 -13.01 7.93 5.77
CA MET A 394 -12.22 8.71 4.83
C MET A 394 -12.00 8.02 3.50
N VAL A 395 -12.00 6.68 3.47
CA VAL A 395 -12.05 5.94 2.21
C VAL A 395 -13.32 6.31 1.46
N ILE A 396 -14.43 6.40 2.19
CA ILE A 396 -15.70 6.79 1.59
C ILE A 396 -15.68 8.26 1.16
N PHE A 397 -15.14 9.15 2.00
CA PHE A 397 -14.96 10.56 1.62
C PHE A 397 -14.28 10.67 0.26
N ARG A 398 -13.19 9.92 0.06
CA ARG A 398 -12.45 10.02 -1.19
C ARG A 398 -13.32 9.62 -2.37
N ASN A 399 -14.15 8.58 -2.21
CA ASN A 399 -15.10 8.20 -3.25
C ASN A 399 -16.09 9.34 -3.52
N VAL A 400 -16.66 9.91 -2.47
CA VAL A 400 -17.69 10.93 -2.62
C VAL A 400 -17.18 12.14 -3.37
N VAL A 401 -15.93 12.54 -3.12
CA VAL A 401 -15.38 13.77 -3.68
C VAL A 401 -14.59 13.54 -4.96
N ASP A 402 -14.57 12.32 -5.47
CA ASP A 402 -13.76 11.96 -6.63
C ASP A 402 -13.96 12.95 -7.76
N GLY A 403 -12.86 13.44 -8.32
CA GLY A 403 -12.90 14.38 -9.42
C GLY A 403 -13.01 15.83 -9.04
N GLN A 404 -13.31 16.15 -7.79
CA GLN A 404 -13.52 17.55 -7.39
C GLN A 404 -12.18 18.22 -7.11
N PRO A 405 -12.05 19.51 -7.39
CA PRO A 405 -10.77 20.19 -7.24
C PRO A 405 -10.45 20.49 -5.78
N PHE A 406 -9.17 20.57 -5.49
CA PHE A 406 -8.68 21.13 -4.23
C PHE A 406 -8.97 22.63 -4.17
N THR A 407 -9.65 23.08 -3.14
CA THR A 407 -10.09 24.46 -3.08
C THR A 407 -10.32 24.87 -1.63
N ASN A 408 -10.55 26.18 -1.42
CA ASN A 408 -10.90 26.70 -0.09
C ASN A 408 -9.87 26.33 0.98
N TRP A 409 -8.60 26.37 0.63
CA TRP A 409 -7.55 26.15 1.63
C TRP A 409 -7.52 27.28 2.65
N TYR A 410 -7.37 26.90 3.90
CA TYR A 410 -7.13 27.82 5.02
C TYR A 410 -5.95 27.30 5.83
N ASP A 411 -5.15 28.23 6.37
CA ASP A 411 -4.23 27.85 7.43
C ASP A 411 -4.00 29.02 8.38
N ASN A 412 -3.54 28.70 9.59
CA ASN A 412 -3.22 29.70 10.60
C ASN A 412 -1.73 30.00 10.66
N GLY A 413 -0.97 29.63 9.64
CA GLY A 413 0.47 29.82 9.67
C GLY A 413 1.21 28.85 10.55
N SER A 414 0.52 27.89 11.13
CA SER A 414 1.13 26.93 12.02
C SER A 414 0.61 25.54 11.63
N ASN A 415 -0.25 24.92 12.45
CA ASN A 415 -0.70 23.56 12.22
C ASN A 415 -2.22 23.42 12.24
N GLN A 416 -2.95 24.50 12.01
CA GLN A 416 -4.41 24.44 11.85
C GLN A 416 -4.71 24.76 10.41
N VAL A 417 -5.24 23.78 9.68
CA VAL A 417 -5.44 23.89 8.25
C VAL A 417 -6.77 23.28 7.89
N ALA A 418 -7.27 23.65 6.71
CA ALA A 418 -8.52 23.09 6.22
C ALA A 418 -8.51 23.21 4.70
N PHE A 419 -9.27 22.35 4.04
CA PHE A 419 -9.51 22.53 2.62
C PHE A 419 -10.74 21.76 2.20
N GLY A 420 -11.23 22.12 1.01
CA GLY A 420 -12.35 21.46 0.40
C GLY A 420 -12.00 20.73 -0.89
N ARG A 421 -12.96 19.91 -1.30
CA ARG A 421 -12.94 19.23 -2.58
C ARG A 421 -14.20 19.67 -3.31
N GLY A 422 -14.04 20.68 -4.14
CA GLY A 422 -15.16 21.30 -4.84
C GLY A 422 -16.30 21.60 -3.90
N ASN A 423 -17.50 21.20 -4.30
CA ASN A 423 -18.69 21.40 -3.50
C ASN A 423 -19.14 20.11 -2.82
N ARG A 424 -18.24 19.13 -2.69
CA ARG A 424 -18.59 17.81 -2.19
C ARG A 424 -17.99 17.39 -0.86
N GLY A 425 -16.92 18.02 -0.39
CA GLY A 425 -16.37 17.66 0.90
C GLY A 425 -15.50 18.74 1.46
N PHE A 426 -15.27 18.69 2.77
CA PHE A 426 -14.45 19.68 3.45
C PHE A 426 -13.84 19.00 4.67
N ILE A 427 -12.60 19.35 4.98
CA ILE A 427 -11.87 18.72 6.08
C ILE A 427 -11.04 19.76 6.81
N VAL A 428 -10.93 19.59 8.13
CA VAL A 428 -10.32 20.58 9.02
C VAL A 428 -9.42 19.84 9.99
N PHE A 429 -8.19 20.32 10.18
CA PHE A 429 -7.21 19.67 11.04
C PHE A 429 -6.66 20.63 12.06
N ASN A 430 -6.46 20.15 13.29
CA ASN A 430 -5.77 20.92 14.31
C ASN A 430 -4.61 20.10 14.87
N ASN A 431 -3.40 20.40 14.42
CA ASN A 431 -2.21 19.77 14.99
C ASN A 431 -1.35 20.75 15.78
N ASP A 432 -1.95 21.84 16.28
CA ASP A 432 -1.25 22.75 17.17
C ASP A 432 -1.57 22.39 18.62
N ASP A 433 -0.79 22.98 19.53
CA ASP A 433 -0.97 22.77 20.96
C ASP A 433 -1.96 23.76 21.59
N TRP A 434 -3.01 24.13 20.86
CA TRP A 434 -4.10 24.97 21.37
C TRP A 434 -5.32 24.68 20.51
N SER A 435 -6.47 25.13 20.99
N SER A 435 -6.46 25.28 20.87
CA SER A 435 -7.73 24.79 20.34
CA SER A 435 -7.72 25.02 20.18
C SER A 435 -7.90 25.58 19.06
C SER A 435 -7.83 25.74 18.84
N PHE A 436 -8.58 24.96 18.12
N PHE A 436 -8.64 25.16 17.96
CA PHE A 436 -9.06 25.63 16.93
CA PHE A 436 -8.95 25.68 16.62
C PHE A 436 -10.54 25.95 17.12
C PHE A 436 -10.47 25.91 16.60
N SER A 437 -10.92 27.16 16.77
CA SER A 437 -12.34 27.52 16.79
CA SER A 437 -12.33 27.52 16.75
C SER A 437 -12.53 28.70 15.82
N LEU A 438 -13.10 28.42 14.65
CA LEU A 438 -13.15 29.45 13.62
C LEU A 438 -14.26 29.10 12.64
N THR A 439 -14.87 30.14 12.07
CA THR A 439 -15.79 29.97 10.96
C THR A 439 -15.00 29.98 9.65
N LEU A 440 -15.24 28.97 8.83
CA LEU A 440 -14.52 28.76 7.58
C LEU A 440 -15.48 28.64 6.42
N GLN A 441 -15.05 29.11 5.26
CA GLN A 441 -15.74 28.85 4.00
C GLN A 441 -15.52 27.40 3.59
N THR A 442 -16.62 26.63 3.48
CA THR A 442 -16.56 25.20 3.20
C THR A 442 -16.77 24.83 1.74
N GLY A 443 -17.35 25.72 0.95
CA GLY A 443 -17.77 25.39 -0.41
C GLY A 443 -18.96 24.47 -0.55
N LEU A 444 -19.59 24.08 0.54
CA LEU A 444 -20.67 23.11 0.49
C LEU A 444 -22.02 23.79 0.51
N PRO A 445 -23.05 23.12 -0.01
CA PRO A 445 -24.42 23.60 0.13
C PRO A 445 -24.83 23.69 1.60
N ALA A 446 -25.73 24.63 1.89
CA ALA A 446 -26.20 24.82 3.25
C ALA A 446 -26.85 23.55 3.76
N GLY A 447 -26.73 23.33 5.06
CA GLY A 447 -27.35 22.19 5.69
C GLY A 447 -26.59 21.73 6.92
N THR A 448 -27.05 20.60 7.46
CA THR A 448 -26.44 19.98 8.64
C THR A 448 -25.69 18.74 8.17
N TYR A 449 -24.42 18.65 8.53
CA TYR A 449 -23.54 17.59 8.09
C TYR A 449 -22.99 16.83 9.28
N CYS A 450 -22.97 15.51 9.18
CA CYS A 450 -22.30 14.71 10.20
C CYS A 450 -20.80 14.70 9.96
N ASP A 451 -20.03 14.96 11.01
CA ASP A 451 -18.61 14.69 11.01
C ASP A 451 -18.39 13.18 10.97
N VAL A 452 -17.68 12.72 9.95
CA VAL A 452 -17.47 11.28 9.77
C VAL A 452 -16.22 10.80 10.48
N ILE A 453 -15.51 11.67 11.20
CA ILE A 453 -14.39 11.25 12.00
C ILE A 453 -14.84 10.83 13.40
N SER A 454 -15.59 11.71 14.07
CA SER A 454 -16.12 11.41 15.40
C SER A 454 -17.34 10.51 15.36
N GLY A 455 -17.97 10.34 14.22
CA GLY A 455 -19.19 9.57 14.16
C GLY A 455 -19.57 9.19 12.75
N ASP A 456 -20.87 8.94 12.59
CA ASP A 456 -21.43 8.44 11.36
C ASP A 456 -22.80 9.06 11.16
N LYS A 457 -23.27 9.09 9.92
CA LYS A 457 -24.68 9.34 9.62
C LYS A 457 -25.39 8.00 9.65
N ILE A 458 -26.29 7.82 10.61
CA ILE A 458 -27.03 6.58 10.76
C ILE A 458 -28.48 6.93 11.07
N ASN A 459 -29.42 6.37 10.31
CA ASN A 459 -30.85 6.57 10.53
C ASN A 459 -31.22 8.05 10.60
N GLY A 460 -30.72 8.83 9.63
CA GLY A 460 -31.08 10.23 9.52
C GLY A 460 -30.60 11.10 10.65
N ASN A 461 -29.59 10.64 11.39
CA ASN A 461 -29.01 11.39 12.49
C ASN A 461 -27.50 11.20 12.46
N CYS A 462 -26.80 12.09 13.16
CA CYS A 462 -25.36 12.00 13.33
C CYS A 462 -25.06 11.43 14.71
N THR A 463 -24.08 10.52 14.77
CA THR A 463 -23.71 9.95 16.06
C THR A 463 -22.58 10.71 16.75
N GLY A 464 -21.91 11.61 16.05
CA GLY A 464 -20.87 12.44 16.63
C GLY A 464 -21.16 13.91 16.40
N ILE A 465 -20.07 14.66 16.12
CA ILE A 465 -20.18 16.09 15.88
C ILE A 465 -21.08 16.37 14.68
N LYS A 466 -21.84 17.45 14.78
CA LYS A 466 -22.62 17.99 13.68
C LYS A 466 -22.08 19.36 13.30
N ILE A 467 -22.02 19.63 11.99
CA ILE A 467 -21.54 20.90 11.46
C ILE A 467 -22.69 21.54 10.69
N TYR A 468 -22.88 22.85 10.92
CA TYR A 468 -23.99 23.59 10.33
C TYR A 468 -23.44 24.58 9.30
N VAL A 469 -23.75 24.35 8.02
CA VAL A 469 -23.27 25.19 6.92
C VAL A 469 -24.38 26.18 6.56
N SER A 470 -24.04 27.46 6.50
CA SER A 470 -24.99 28.51 6.21
C SER A 470 -25.15 28.70 4.70
N ASP A 471 -26.06 29.60 4.33
CA ASP A 471 -26.33 29.87 2.93
C ASP A 471 -25.11 30.41 2.18
N ASP A 472 -24.16 31.01 2.90
CA ASP A 472 -22.94 31.55 2.33
C ASP A 472 -21.84 30.50 2.20
N GLY A 473 -22.10 29.25 2.60
CA GLY A 473 -21.09 28.21 2.59
C GLY A 473 -20.21 28.15 3.82
N LYS A 474 -20.42 29.04 4.78
CA LYS A 474 -19.56 29.10 5.96
C LYS A 474 -20.09 28.19 7.06
N ALA A 475 -19.18 27.66 7.88
CA ALA A 475 -19.55 26.84 9.01
C ALA A 475 -18.51 27.04 10.10
N HIS A 476 -18.96 26.93 11.34
CA HIS A 476 -18.07 27.02 12.48
C HIS A 476 -17.51 25.64 12.84
N PHE A 477 -16.20 25.58 13.06
CA PHE A 477 -15.51 24.37 13.44
C PHE A 477 -14.79 24.61 14.75
N SER A 478 -14.90 23.69 15.67
N SER A 478 -14.93 23.70 15.70
CA SER A 478 -14.22 23.78 16.96
CA SER A 478 -14.25 23.78 16.99
C SER A 478 -13.54 22.45 17.25
C SER A 478 -13.55 22.45 17.23
N ILE A 479 -12.22 22.48 17.39
CA ILE A 479 -11.42 21.28 17.62
C ILE A 479 -10.40 21.61 18.71
N SER A 480 -10.58 21.04 19.89
CA SER A 480 -9.56 21.14 20.93
C SER A 480 -8.34 20.30 20.56
N ASN A 481 -7.16 20.78 20.97
CA ASN A 481 -5.98 19.94 20.85
C ASN A 481 -6.06 18.71 21.73
N SER A 482 -7.05 18.62 22.63
CA SER A 482 -7.26 17.43 23.45
C SER A 482 -8.27 16.46 22.84
N ALA A 483 -8.84 16.77 21.67
CA ALA A 483 -9.85 15.89 21.11
C ALA A 483 -9.25 14.53 20.79
N GLU A 484 -10.08 13.48 20.92
CA GLU A 484 -9.67 12.13 20.54
C GLU A 484 -9.05 12.12 19.14
N ASP A 485 -9.75 12.70 18.19
CA ASP A 485 -9.25 12.89 16.83
C ASP A 485 -9.34 14.36 16.52
N PRO A 486 -8.22 15.06 16.36
CA PRO A 486 -8.26 16.53 16.19
C PRO A 486 -8.46 16.93 14.73
N PHE A 487 -9.42 16.27 14.07
CA PHE A 487 -9.79 16.66 12.72
C PHE A 487 -11.24 16.27 12.49
N ILE A 488 -11.89 17.04 11.62
CA ILE A 488 -13.32 16.91 11.28
C ILE A 488 -13.43 16.83 9.76
N ALA A 489 -14.28 15.94 9.27
CA ALA A 489 -14.50 15.80 7.83
C ALA A 489 -15.99 15.65 7.56
N ILE A 490 -16.49 16.38 6.57
CA ILE A 490 -17.91 16.35 6.19
C ILE A 490 -17.99 16.26 4.67
N HIS A 491 -19.05 15.65 4.17
CA HIS A 491 -19.16 15.51 2.72
C HIS A 491 -20.63 15.39 2.33
N ALA A 492 -20.85 15.37 1.01
CA ALA A 492 -22.20 15.40 0.48
C ALA A 492 -23.06 14.25 0.97
N GLU A 493 -22.48 13.08 1.20
N GLU A 493 -22.48 13.08 1.20
CA GLU A 493 -23.27 11.95 1.66
CA GLU A 493 -23.22 11.92 1.66
C GLU A 493 -23.36 11.86 3.17
C GLU A 493 -23.26 11.79 3.19
N SER A 494 -22.75 12.79 3.91
CA SER A 494 -22.94 12.87 5.37
C SER A 494 -23.92 13.99 5.73
N LYS A 495 -24.50 14.65 4.73
CA LYS A 495 -25.51 15.67 4.96
C LYS A 495 -26.84 15.04 5.36
N LEU A 496 -27.50 15.63 6.36
CA LEU A 496 -28.80 15.15 6.80
C LEU A 496 -29.90 15.62 5.88
#